data_1T68
#
_entry.id   1T68
#
_cell.length_a   39.295
_cell.length_b   125.444
_cell.length_c   33.196
_cell.angle_alpha   90.00
_cell.angle_beta   90.00
_cell.angle_gamma   90.00
#
_symmetry.space_group_name_H-M   'P 21 21 2'
#
loop_
_entity.id
_entity.type
_entity.pdbx_description
1 polymer 'Nitrophorin 2'
2 non-polymer 'PROTOPORPHYRIN IX CONTAINING FE'
3 non-polymer 'NITRIC OXIDE'
4 water water
#
_entity_poly.entity_id   1
_entity_poly.type   'polypeptide(L)'
_entity_poly.pdbx_seq_one_letter_code
;MDCSTNISPKQGLDKAKYFSGKWYVTHFLDKDPQVTDQYCSSFTPRESDGTVKEALYHYNANKKTSFYNIGEGKLESSGL
QYTAKYKTVDKKKAVLKEADEKNSYTLTVLEADDSSALVHICLREGSKDLGDLYTVLTHQKDAEPSAKVKSAVTQAGLQL
SQFVGTKDLGCQYDDQFTSL
;
_entity_poly.pdbx_strand_id   X
#
loop_
_chem_comp.id
_chem_comp.type
_chem_comp.name
_chem_comp.formula
HEM non-polymer 'PROTOPORPHYRIN IX CONTAINING FE' 'C34 H32 Fe N4 O4'
NO non-polymer 'NITRIC OXIDE' 'N O'
#
# COMPACT_ATOMS: atom_id res chain seq x y z
N MET A 1 -2.30 -18.26 8.32
CA MET A 1 -3.26 -17.45 7.48
C MET A 1 -2.61 -16.78 6.21
N ASP A 2 -2.85 -17.43 5.11
CA ASP A 2 -2.34 -16.95 3.85
C ASP A 2 -3.20 -15.82 3.34
N CYS A 3 -2.59 -15.06 2.42
CA CYS A 3 -3.37 -14.14 1.59
C CYS A 3 -4.46 -14.86 0.78
N SER A 4 -5.54 -14.14 0.53
CA SER A 4 -6.60 -14.64 -0.30
C SER A 4 -6.13 -14.92 -1.71
N THR A 5 -6.63 -16.03 -2.24
CA THR A 5 -6.43 -16.37 -3.67
C THR A 5 -7.49 -15.83 -4.60
N ASN A 6 -8.43 -15.04 -4.10
CA ASN A 6 -9.54 -14.50 -4.88
C ASN A 6 -9.54 -12.99 -5.00
N ILE A 7 -8.39 -12.36 -5.02
CA ILE A 7 -8.32 -10.95 -5.23
C ILE A 7 -8.01 -10.68 -6.70
N SER A 8 -8.79 -9.79 -7.31
CA SER A 8 -8.52 -9.37 -8.69
C SER A 8 -8.64 -7.86 -8.79
N PRO A 9 -7.86 -7.22 -9.67
CA PRO A 9 -7.98 -5.77 -9.79
C PRO A 9 -9.24 -5.38 -10.52
N LYS A 10 -9.61 -4.14 -10.27
CA LYS A 10 -10.73 -3.57 -10.98
C LYS A 10 -10.26 -3.36 -12.43
N GLN A 11 -11.14 -3.72 -13.37
CA GLN A 11 -10.91 -3.48 -14.78
C GLN A 11 -11.23 -2.04 -15.11
N GLY A 12 -10.60 -1.52 -16.15
CA GLY A 12 -10.89 -0.20 -16.62
C GLY A 12 -10.39 0.88 -15.71
N LEU A 13 -9.70 0.49 -14.63
CA LEU A 13 -9.10 1.48 -13.77
C LEU A 13 -8.07 2.23 -14.56
N ASP A 14 -8.13 3.52 -14.36
CA ASP A 14 -7.27 4.44 -15.04
C ASP A 14 -6.01 4.39 -14.20
N LYS A 15 -4.92 3.89 -14.80
CA LYS A 15 -3.67 3.74 -14.06
C LYS A 15 -3.08 5.10 -13.74
N ALA A 16 -3.46 6.12 -14.52
CA ALA A 16 -3.08 7.52 -14.30
C ALA A 16 -3.55 8.03 -12.97
N LYS A 17 -4.72 7.59 -12.56
CA LYS A 17 -5.29 8.03 -11.26
C LYS A 17 -4.56 7.37 -10.09
N TYR A 18 -3.94 6.25 -10.36
CA TYR A 18 -3.20 5.56 -9.32
C TYR A 18 -1.76 5.92 -9.20
N PHE A 19 -1.04 6.02 -10.31
CA PHE A 19 0.38 6.31 -10.29
C PHE A 19 0.67 7.80 -10.30
N SER A 20 0.03 8.50 -9.36
CA SER A 20 -0.09 9.95 -9.26
C SER A 20 0.25 10.36 -7.83
N GLY A 21 1.20 11.25 -7.68
CA GLY A 21 1.48 11.93 -6.46
C GLY A 21 1.90 11.00 -5.34
N LYS A 22 1.51 11.34 -4.15
CA LYS A 22 1.80 10.51 -3.00
C LYS A 22 0.48 10.05 -2.41
N TRP A 23 0.48 8.83 -1.93
CA TRP A 23 -0.63 8.28 -1.19
C TRP A 23 -0.32 8.16 0.29
N TYR A 24 -1.31 8.40 1.12
CA TYR A 24 -1.30 8.11 2.58
C TYR A 24 -2.37 7.06 2.82
N VAL A 25 -2.01 6.07 3.65
CA VAL A 25 -3.01 5.11 4.10
C VAL A 25 -3.85 5.74 5.18
N THR A 26 -5.11 5.99 4.89
CA THR A 26 -6.00 6.58 5.88
C THR A 26 -6.70 5.52 6.72
N HIS A 27 -6.86 4.31 6.18
CA HIS A 27 -7.54 3.24 6.84
C HIS A 27 -6.92 1.93 6.41
N PHE A 28 -6.71 1.02 7.33
CA PHE A 28 -6.21 -0.28 6.95
C PHE A 28 -6.93 -1.40 7.65
N LEU A 29 -6.98 -2.54 7.00
CA LEU A 29 -7.53 -3.76 7.54
C LEU A 29 -6.56 -4.90 7.30
N ASP A 30 -6.06 -5.43 8.39
CA ASP A 30 -5.24 -6.60 8.37
C ASP A 30 -6.03 -7.74 8.90
N LYS A 31 -6.24 -8.75 8.07
CA LYS A 31 -7.00 -9.93 8.42
C LYS A 31 -6.35 -10.80 9.49
N ASP A 32 -5.04 -10.63 9.78
CA ASP A 32 -4.37 -11.52 10.75
C ASP A 32 -4.50 -10.91 12.14
N PRO A 33 -5.31 -11.52 13.04
CA PRO A 33 -5.52 -10.95 14.38
C PRO A 33 -4.38 -11.15 15.35
N GLN A 34 -3.31 -11.81 14.89
CA GLN A 34 -2.16 -12.07 15.75
C GLN A 34 -1.26 -10.85 15.88
N VAL A 35 -1.46 -9.88 15.01
CA VAL A 35 -0.69 -8.63 15.07
C VAL A 35 -1.14 -7.75 16.23
N THR A 36 -0.22 -6.90 16.66
CA THR A 36 -0.48 -5.93 17.72
C THR A 36 -0.25 -4.53 17.14
N ASP A 37 0.87 -4.37 16.47
CA ASP A 37 1.35 -3.04 16.14
C ASP A 37 0.48 -2.45 15.03
N GLN A 38 0.22 -1.18 15.17
CA GLN A 38 -0.46 -0.42 14.14
C GLN A 38 0.50 0.50 13.46
N TYR A 39 0.33 0.70 12.15
CA TYR A 39 1.23 1.45 11.35
C TYR A 39 0.53 2.59 10.66
N CYS A 40 1.33 3.59 10.34
CA CYS A 40 1.06 4.53 9.30
C CYS A 40 1.96 4.26 8.10
N SER A 41 1.45 4.53 6.91
CA SER A 41 2.27 4.37 5.73
C SER A 41 1.95 5.43 4.69
N SER A 42 2.94 5.80 3.92
CA SER A 42 2.80 6.70 2.76
C SER A 42 3.74 6.19 1.69
N PHE A 43 3.35 6.35 0.44
CA PHE A 43 4.18 5.92 -0.66
C PHE A 43 3.91 6.69 -1.95
N THR A 44 4.83 6.62 -2.89
CA THR A 44 4.78 7.40 -4.10
C THR A 44 5.09 6.44 -5.21
N PRO A 45 4.05 5.96 -5.90
CA PRO A 45 4.25 5.01 -6.97
C PRO A 45 4.36 5.72 -8.30
N ARG A 46 5.21 5.15 -9.13
CA ARG A 46 5.41 5.66 -10.50
C ARG A 46 5.50 4.53 -11.48
N GLU A 47 5.09 4.84 -12.71
CA GLU A 47 5.02 3.82 -13.74
C GLU A 47 5.53 4.39 -15.06
N SER A 48 6.24 3.56 -15.78
CA SER A 48 6.69 3.92 -17.13
C SER A 48 6.74 2.67 -17.97
N ASP A 49 5.93 2.62 -19.02
CA ASP A 49 5.99 1.58 -20.02
C ASP A 49 5.87 0.23 -19.39
N GLY A 50 4.96 0.14 -18.39
CA GLY A 50 4.77 -1.12 -17.70
C GLY A 50 5.68 -1.46 -16.52
N THR A 51 6.65 -0.62 -16.20
CA THR A 51 7.47 -0.88 -15.03
C THR A 51 7.02 0.06 -13.94
N VAL A 52 6.80 -0.51 -12.76
CA VAL A 52 6.44 0.26 -11.60
C VAL A 52 7.61 0.38 -10.62
N LYS A 53 7.81 1.56 -10.07
CA LYS A 53 8.81 1.72 -9.03
C LYS A 53 8.21 2.71 -8.03
N GLU A 54 8.36 2.39 -6.74
CA GLU A 54 7.68 3.17 -5.71
C GLU A 54 8.54 3.31 -4.48
N ALA A 55 8.45 4.48 -3.87
CA ALA A 55 9.14 4.74 -2.63
C ALA A 55 8.14 4.64 -1.51
N LEU A 56 8.48 3.86 -0.49
CA LEU A 56 7.56 3.45 0.53
C LEU A 56 8.09 3.82 1.89
N TYR A 57 7.17 4.18 2.78
CA TYR A 57 7.47 4.57 4.16
C TYR A 57 6.48 3.87 5.10
N HIS A 58 6.98 3.36 6.22
CA HIS A 58 6.18 2.86 7.32
C HIS A 58 6.60 3.53 8.59
N TYR A 59 5.62 3.85 9.45
CA TYR A 59 5.86 4.26 10.85
C TYR A 59 5.05 3.34 11.74
N ASN A 60 5.77 2.65 12.60
CA ASN A 60 5.16 1.78 13.58
C ASN A 60 4.72 2.69 14.73
N ALA A 61 3.41 2.90 14.87
CA ALA A 61 2.87 3.80 15.89
C ALA A 61 3.08 3.24 17.30
N ASN A 62 3.18 1.94 17.47
CA ASN A 62 3.34 1.34 18.83
C ASN A 62 4.80 1.43 19.29
N LYS A 63 5.73 1.09 18.40
CA LYS A 63 7.17 1.07 18.72
C LYS A 63 7.94 2.37 18.44
N LYS A 64 7.29 3.30 17.75
CA LYS A 64 7.75 4.63 17.39
C LYS A 64 8.97 4.58 16.48
N THR A 65 8.99 3.61 15.58
CA THR A 65 10.13 3.49 14.67
C THR A 65 9.59 3.55 13.24
N SER A 66 10.51 3.62 12.30
CA SER A 66 10.15 3.77 10.91
C SER A 66 11.09 3.05 10.01
N PHE A 67 10.63 2.72 8.78
CA PHE A 67 11.56 2.15 7.81
C PHE A 67 11.11 2.52 6.42
N TYR A 68 12.05 2.45 5.49
CA TYR A 68 11.86 2.95 4.13
C TYR A 68 12.25 1.87 3.15
N ASN A 69 11.50 1.80 2.09
CA ASN A 69 11.74 0.82 1.03
C ASN A 69 11.61 1.44 -0.34
N ILE A 70 12.18 0.79 -1.35
CA ILE A 70 11.90 1.06 -2.73
C ILE A 70 11.49 -0.27 -3.36
N GLY A 71 10.28 -0.30 -3.92
CA GLY A 71 9.73 -1.47 -4.57
C GLY A 71 9.74 -1.28 -6.09
N GLU A 72 9.89 -2.37 -6.83
CA GLU A 72 9.88 -2.33 -8.28
C GLU A 72 9.34 -3.63 -8.80
N GLY A 73 8.48 -3.51 -9.78
CA GLY A 73 8.00 -4.69 -10.49
C GLY A 73 7.34 -4.28 -11.80
N LYS A 74 6.65 -5.21 -12.39
CA LYS A 74 6.01 -5.05 -13.69
C LYS A 74 4.55 -5.16 -13.61
N LEU A 75 3.85 -4.29 -14.28
CA LEU A 75 2.42 -4.37 -14.36
C LEU A 75 1.98 -5.64 -14.98
N GLU A 76 0.97 -6.26 -14.40
CA GLU A 76 0.31 -7.37 -15.07
C GLU A 76 -0.45 -6.91 -16.29
N SER A 77 -0.62 -7.86 -17.21
CA SER A 77 -1.25 -7.47 -18.46
C SER A 77 -2.73 -7.31 -18.18
N SER A 78 -3.18 -8.05 -17.16
CA SER A 78 -4.57 -8.43 -16.86
C SER A 78 -5.38 -7.30 -16.32
N GLY A 79 -4.73 -6.50 -15.49
CA GLY A 79 -5.29 -5.30 -14.90
C GLY A 79 -4.27 -4.66 -13.96
N LEU A 80 -4.70 -3.71 -13.12
CA LEU A 80 -3.83 -2.83 -12.36
C LEU A 80 -3.26 -3.50 -11.08
N GLN A 81 -2.17 -4.20 -11.29
CA GLN A 81 -1.68 -5.17 -10.32
C GLN A 81 -0.23 -5.41 -10.64
N TYR A 82 0.61 -5.47 -9.60
CA TYR A 82 2.02 -5.80 -9.75
C TYR A 82 2.61 -6.54 -8.55
N THR A 83 3.57 -7.41 -8.80
CA THR A 83 4.33 -8.02 -7.71
C THR A 83 5.68 -7.36 -7.77
N ALA A 84 6.05 -6.76 -6.66
CA ALA A 84 7.33 -6.06 -6.49
C ALA A 84 8.32 -6.78 -5.65
N LYS A 85 9.59 -6.59 -6.06
CA LYS A 85 10.72 -6.85 -5.19
C LYS A 85 11.07 -5.54 -4.53
N TYR A 86 11.65 -5.58 -3.34
CA TYR A 86 11.91 -4.36 -2.63
C TYR A 86 13.26 -4.36 -1.95
N LYS A 87 13.88 -3.21 -1.98
CA LYS A 87 15.10 -2.92 -1.21
C LYS A 87 14.80 -2.09 -0.05
N THR A 88 15.72 -2.05 0.87
CA THR A 88 15.55 -1.29 2.09
C THR A 88 16.49 -0.13 1.95
N VAL A 89 15.99 1.06 2.23
CA VAL A 89 16.75 2.26 2.07
C VAL A 89 16.65 3.10 3.32
N ASP A 90 17.52 4.11 3.41
CA ASP A 90 17.43 5.07 4.49
C ASP A 90 16.61 6.24 4.03
N LYS A 91 16.49 7.24 4.89
CA LYS A 91 15.56 8.30 4.61
C LYS A 91 16.03 9.19 3.46
N LYS A 92 17.30 9.01 3.00
CA LYS A 92 17.89 9.73 1.90
C LYS A 92 17.86 8.87 0.62
N LYS A 93 17.24 7.69 0.76
CA LYS A 93 17.09 6.75 -0.33
C LYS A 93 18.36 6.03 -0.73
N ALA A 94 19.38 6.09 0.12
CA ALA A 94 20.55 5.26 -0.03
C ALA A 94 20.16 3.86 0.30
N VAL A 95 20.74 2.90 -0.42
CA VAL A 95 20.42 1.50 -0.22
C VAL A 95 21.12 0.94 1.00
N LEU A 96 20.36 0.33 1.91
CA LEU A 96 20.86 -0.40 3.09
C LEU A 96 21.00 -1.88 2.83
N LYS A 97 19.98 -2.44 2.23
CA LYS A 97 19.94 -3.84 1.85
C LYS A 97 19.32 -3.92 0.49
N GLU A 98 19.98 -4.63 -0.42
CA GLU A 98 19.41 -4.90 -1.72
C GLU A 98 18.20 -5.82 -1.54
N ALA A 99 17.41 -5.98 -2.57
CA ALA A 99 16.23 -6.83 -2.47
C ALA A 99 16.61 -8.30 -2.13
N ASP A 100 15.89 -8.91 -1.22
CA ASP A 100 15.91 -10.38 -0.99
C ASP A 100 14.90 -10.98 -1.98
N GLU A 101 15.37 -11.72 -2.97
CA GLU A 101 14.54 -12.21 -4.04
C GLU A 101 13.57 -13.27 -3.55
N LYS A 102 13.71 -13.75 -2.32
CA LYS A 102 12.65 -14.61 -1.77
C LYS A 102 11.47 -13.88 -1.16
N ASN A 103 11.54 -12.55 -1.16
CA ASN A 103 10.49 -11.72 -0.61
C ASN A 103 9.84 -10.92 -1.72
N SER A 104 8.56 -10.66 -1.61
CA SER A 104 7.84 -9.83 -2.58
C SER A 104 6.57 -9.31 -1.98
N TYR A 105 5.98 -8.31 -2.61
CA TYR A 105 4.59 -8.02 -2.31
C TYR A 105 3.79 -7.85 -3.57
N THR A 106 2.55 -8.29 -3.54
CA THR A 106 1.69 -8.12 -4.68
C THR A 106 0.62 -7.12 -4.31
N LEU A 107 0.54 -6.04 -5.07
CA LEU A 107 -0.38 -4.94 -4.86
C LEU A 107 -1.39 -4.96 -5.97
N THR A 108 -2.66 -5.04 -5.56
CA THR A 108 -3.78 -5.07 -6.48
C THR A 108 -4.63 -3.84 -6.26
N VAL A 109 -4.86 -3.04 -7.28
CA VAL A 109 -5.69 -1.85 -7.14
C VAL A 109 -7.16 -2.21 -7.34
N LEU A 110 -7.98 -1.89 -6.35
CA LEU A 110 -9.41 -2.25 -6.39
C LEU A 110 -10.28 -1.09 -6.77
N GLU A 111 -9.80 0.10 -6.57
CA GLU A 111 -10.45 1.35 -7.01
C GLU A 111 -9.46 2.48 -6.96
N ALA A 112 -9.62 3.47 -7.80
CA ALA A 112 -8.78 4.65 -7.79
C ALA A 112 -9.54 5.78 -8.49
N ASP A 113 -9.49 6.94 -7.87
CA ASP A 113 -10.03 8.13 -8.49
C ASP A 113 -9.09 9.30 -8.22
N ASP A 114 -9.51 10.56 -8.44
CA ASP A 114 -8.56 11.64 -8.28
C ASP A 114 -8.14 11.92 -6.89
N SER A 115 -8.91 11.46 -5.91
CA SER A 115 -8.61 11.80 -4.52
C SER A 115 -8.18 10.60 -3.68
N SER A 116 -8.52 9.39 -4.14
CA SER A 116 -8.59 8.24 -3.23
C SER A 116 -8.37 6.94 -4.00
N ALA A 117 -7.97 5.89 -3.27
CA ALA A 117 -7.83 4.58 -3.82
C ALA A 117 -8.06 3.49 -2.78
N LEU A 118 -8.31 2.28 -3.23
CA LEU A 118 -8.33 1.11 -2.36
C LEU A 118 -7.45 0.12 -3.01
N VAL A 119 -6.51 -0.41 -2.25
CA VAL A 119 -5.64 -1.47 -2.69
C VAL A 119 -5.56 -2.63 -1.67
N HIS A 120 -5.24 -3.80 -2.20
CA HIS A 120 -4.92 -4.97 -1.46
C HIS A 120 -3.45 -5.28 -1.65
N ILE A 121 -2.76 -5.62 -0.55
CA ILE A 121 -1.35 -5.95 -0.53
C ILE A 121 -1.18 -7.30 0.12
N CYS A 122 -0.50 -8.20 -0.59
CA CYS A 122 -0.01 -9.45 0.00
C CYS A 122 1.46 -9.45 0.08
N LEU A 123 2.01 -9.29 1.27
CA LEU A 123 3.47 -9.27 1.52
C LEU A 123 3.86 -10.71 1.83
N ARG A 124 4.89 -11.18 1.17
CA ARG A 124 5.44 -12.52 1.36
C ARG A 124 6.92 -12.43 1.70
N GLU A 125 7.31 -13.07 2.77
CA GLU A 125 8.72 -13.17 3.09
C GLU A 125 9.08 -14.65 3.04
N GLY A 126 9.77 -15.08 1.99
CA GLY A 126 10.08 -16.49 1.85
C GLY A 126 8.85 -17.38 1.79
N SER A 127 8.76 -18.39 2.68
CA SER A 127 7.55 -19.25 2.80
C SER A 127 6.25 -18.43 3.18
N LYS A 128 6.40 -17.55 4.16
CA LYS A 128 5.28 -16.99 4.91
C LYS A 128 4.67 -15.75 4.23
N ASP A 129 3.33 -15.66 4.26
CA ASP A 129 2.56 -14.46 3.92
C ASP A 129 2.33 -13.61 5.18
N LEU A 130 2.13 -12.31 5.02
CA LEU A 130 1.68 -11.45 6.12
C LEU A 130 0.17 -11.54 6.30
N GLY A 131 -0.54 -12.21 5.40
CA GLY A 131 -1.98 -12.13 5.43
C GLY A 131 -2.53 -10.94 4.65
N ASP A 132 -3.84 -10.96 4.38
CA ASP A 132 -4.39 -9.91 3.54
C ASP A 132 -4.19 -8.59 4.30
N LEU A 133 -3.86 -7.54 3.55
CA LEU A 133 -3.86 -6.17 4.01
C LEU A 133 -4.63 -5.34 2.98
N TYR A 134 -5.69 -4.68 3.42
CA TYR A 134 -6.39 -3.71 2.59
C TYR A 134 -6.11 -2.33 3.09
N THR A 135 -5.78 -1.42 2.21
CA THR A 135 -5.50 -0.03 2.60
C THR A 135 -6.33 0.91 1.74
N VAL A 136 -7.09 1.77 2.41
CA VAL A 136 -7.72 2.94 1.81
C VAL A 136 -6.67 4.05 1.75
N LEU A 137 -6.50 4.67 0.58
CA LEU A 137 -5.47 5.69 0.33
C LEU A 137 -6.14 7.01 -0.01
N THR A 138 -5.52 8.08 0.44
CA THR A 138 -5.88 9.43 -0.09
C THR A 138 -4.64 10.22 -0.38
N HIS A 139 -4.74 11.30 -1.13
CA HIS A 139 -3.56 12.10 -1.34
C HIS A 139 -3.26 13.09 -0.22
N GLN A 140 -4.30 13.36 0.54
CA GLN A 140 -4.16 14.36 1.59
C GLN A 140 -4.33 13.53 2.84
N LYS A 141 -3.35 13.57 3.74
CA LYS A 141 -3.40 12.78 4.91
C LYS A 141 -4.57 13.24 5.74
N ASP A 142 -5.18 12.29 6.41
CA ASP A 142 -6.29 12.57 7.28
C ASP A 142 -7.48 13.16 6.53
N ALA A 143 -7.51 12.99 5.22
CA ALA A 143 -8.70 13.28 4.42
C ALA A 143 -9.55 12.04 4.43
N GLU A 144 -10.83 12.24 4.12
CA GLU A 144 -11.79 11.15 3.94
C GLU A 144 -11.72 10.59 2.50
N PRO A 145 -11.74 9.27 2.34
CA PRO A 145 -11.85 8.73 1.00
C PRO A 145 -13.18 9.14 0.36
N SER A 146 -13.16 9.11 -0.95
CA SER A 146 -14.32 9.41 -1.72
C SER A 146 -15.39 8.39 -1.58
N ALA A 147 -16.63 8.78 -1.92
CA ALA A 147 -17.71 7.83 -1.91
C ALA A 147 -17.47 6.61 -2.80
N LYS A 148 -16.89 6.83 -3.96
CA LYS A 148 -16.48 5.74 -4.87
C LYS A 148 -15.56 4.77 -4.17
N VAL A 149 -14.56 5.29 -3.43
CA VAL A 149 -13.59 4.40 -2.79
C VAL A 149 -14.31 3.71 -1.62
N LYS A 150 -15.17 4.42 -0.89
CA LYS A 150 -15.89 3.73 0.16
C LYS A 150 -16.78 2.64 -0.38
N SER A 151 -17.40 2.82 -1.55
CA SER A 151 -18.22 1.80 -2.12
C SER A 151 -17.36 0.57 -2.47
N ALA A 152 -16.13 0.79 -2.98
CA ALA A 152 -15.25 -0.30 -3.29
C ALA A 152 -14.91 -1.18 -2.06
N VAL A 153 -14.81 -0.56 -0.91
CA VAL A 153 -14.56 -1.31 0.30
C VAL A 153 -15.69 -2.30 0.55
N THR A 154 -16.92 -1.82 0.46
CA THR A 154 -18.06 -2.68 0.69
C THR A 154 -18.11 -3.76 -0.40
N GLN A 155 -17.87 -3.39 -1.64
CA GLN A 155 -17.92 -4.34 -2.72
C GLN A 155 -16.75 -5.35 -2.69
N ALA A 156 -15.69 -5.06 -1.94
CA ALA A 156 -14.60 -6.00 -1.67
C ALA A 156 -15.00 -6.99 -0.57
N GLY A 157 -16.21 -6.86 -0.04
CA GLY A 157 -16.74 -7.76 0.98
C GLY A 157 -16.33 -7.36 2.36
N LEU A 158 -16.00 -6.08 2.53
CA LEU A 158 -15.47 -5.63 3.80
C LEU A 158 -16.40 -4.60 4.40
N GLN A 159 -16.10 -4.20 5.61
CA GLN A 159 -16.79 -3.14 6.26
C GLN A 159 -15.82 -2.12 6.77
N LEU A 160 -16.01 -0.88 6.39
CA LEU A 160 -15.11 0.20 6.74
C LEU A 160 -15.00 0.35 8.27
N SER A 161 -16.08 0.00 8.97
CA SER A 161 -16.08 0.10 10.41
C SER A 161 -15.01 -0.77 11.06
N GLN A 162 -14.53 -1.76 10.33
CA GLN A 162 -13.55 -2.72 10.85
C GLN A 162 -12.06 -2.30 10.62
N PHE A 163 -11.88 -1.26 9.82
CA PHE A 163 -10.57 -0.69 9.50
C PHE A 163 -10.10 0.19 10.63
N VAL A 164 -8.81 0.17 10.80
CA VAL A 164 -8.09 1.11 11.65
C VAL A 164 -7.90 2.42 10.92
N GLY A 165 -8.34 3.51 11.52
CA GLY A 165 -8.07 4.83 11.04
C GLY A 165 -6.75 5.42 11.50
N THR A 166 -5.91 5.74 10.57
CA THR A 166 -4.59 6.17 10.94
C THR A 166 -4.54 7.62 11.44
N LYS A 167 -5.52 8.45 11.13
CA LYS A 167 -5.40 9.88 11.48
C LYS A 167 -5.36 10.12 12.98
N ASP A 168 -5.72 9.11 13.77
CA ASP A 168 -5.73 9.21 15.24
C ASP A 168 -4.57 8.49 15.91
N LEU A 169 -3.57 7.96 15.17
CA LEU A 169 -2.56 7.12 15.74
C LEU A 169 -1.33 7.85 16.27
N GLY A 170 -1.23 9.15 15.99
CA GLY A 170 -0.05 9.91 16.38
C GLY A 170 1.13 9.68 15.44
N CYS A 171 0.78 9.46 14.19
CA CYS A 171 1.75 9.10 13.11
C CYS A 171 2.83 10.18 13.03
N GLN A 172 4.06 9.76 12.80
CA GLN A 172 5.13 10.63 12.36
C GLN A 172 5.42 10.21 10.91
N TYR A 173 5.31 11.17 9.99
CA TYR A 173 5.64 10.97 8.59
C TYR A 173 6.93 11.64 8.22
N ASP A 174 7.39 11.23 7.04
CA ASP A 174 8.49 11.84 6.34
C ASP A 174 8.03 12.34 4.96
N ASP A 175 7.48 13.56 4.90
CA ASP A 175 6.86 14.04 3.65
C ASP A 175 7.94 14.47 2.65
N GLN A 176 9.16 14.72 3.15
CA GLN A 176 10.37 14.88 2.30
C GLN A 176 10.64 13.65 1.41
N PHE A 177 10.50 12.47 2.01
CA PHE A 177 10.85 11.23 1.34
C PHE A 177 9.82 10.93 0.25
N THR A 178 8.52 11.18 0.49
CA THR A 178 7.47 10.88 -0.53
C THR A 178 7.15 11.94 -1.61
N SER A 179 7.80 13.09 -1.54
CA SER A 179 7.57 14.15 -2.52
C SER A 179 8.51 14.00 -3.70
N LEU A 180 7.79 14.00 -4.95
CA LEU A 180 8.33 13.67 -6.30
C LEU A 180 8.71 12.19 -6.51
CHA HEM B . 6.45 -4.39 6.21
CHB HEM B . 2.07 -3.46 7.98
CHC HEM B . 1.43 -0.51 4.25
CHD HEM B . 4.75 -3.06 1.84
C1A HEM B . 5.38 -4.39 7.02
C2A HEM B . 5.28 -5.03 8.29
C3A HEM B . 4.08 -4.79 8.77
C4A HEM B . 3.33 -3.99 7.82
CMA HEM B . 3.47 -5.28 10.10
CAA HEM B . 6.38 -5.85 8.97
CBA HEM B . 6.79 -7.10 8.21
CGA HEM B . 7.80 -7.87 9.02
O1A HEM B . 8.57 -8.68 8.41
O2A HEM B . 7.88 -7.67 10.25
C1B HEM B . 1.52 -2.50 7.18
C2B HEM B . 0.42 -1.66 7.45
C3B HEM B . 0.26 -0.78 6.45
C4B HEM B . 1.26 -1.09 5.48
CMB HEM B . -0.43 -1.81 8.68
CAB HEM B . -0.75 0.36 6.22
CBB HEM B . -1.01 1.15 7.24
C1C HEM B . 2.19 -1.01 3.21
C2C HEM B . 2.13 -0.61 1.83
C3C HEM B . 3.01 -1.37 1.17
C4C HEM B . 3.70 -2.22 2.11
CMC HEM B . 1.15 0.45 1.32
CAC HEM B . 3.36 -1.43 -0.32
CBC HEM B . 3.09 -0.41 -1.16
C1D HEM B . 5.59 -3.51 2.81
C2D HEM B . 6.93 -3.93 2.63
C3D HEM B . 7.44 -4.34 3.96
C4D HEM B . 6.36 -4.12 4.87
CMD HEM B . 7.67 -4.02 1.31
CAD HEM B . 8.89 -4.73 4.27
CBD HEM B . 9.09 -6.21 4.46
CGD HEM B . 10.51 -6.55 4.85
O1D HEM B . 11.08 -5.77 5.66
O2D HEM B . 11.01 -7.60 4.33
NA HEM B . 4.18 -3.76 6.78
NB HEM B . 2.02 -2.15 5.98
NC HEM B . 3.15 -1.98 3.33
ND HEM B . 5.27 -3.60 4.14
FE HEM B . 3.61 -2.90 5.06
N NO C . 2.68 -4.49 4.49
O NO C . 2.48 -5.09 3.25
#